data_4AF1
#
_entry.id   4AF1
#
_cell.length_a   131.020
_cell.length_b   31.990
_cell.length_c   111.150
_cell.angle_alpha   90.00
_cell.angle_beta   113.47
_cell.angle_gamma   90.00
#
_symmetry.space_group_name_H-M   'C 1 2 1'
#
loop_
_entity.id
_entity.type
_entity.pdbx_description
1 polymer 'PEPTIDE CHAIN RELEASE FACTOR SUBUNIT 1'
2 non-polymer 'ZINC ION'
3 water water
#
_entity_poly.entity_id   1
_entity_poly.type   'polypeptide(L)'
_entity_poly.pdbx_seq_one_letter_code
;MSEQDEVPSEDRRKYEFRKVIEELKDYEGSGTQLVTIYIPPDKQISDVVAHVTQEHSEASNIKSKQTRTNVQDALTSIKD
RLRYYDTFPPDNGMVVFSGAVDSGGGRTDMVTEVLESPPQPIESFRYHCDSAFLTEPLAEMLGDKGLYGLIVLDRRESNV
GWLKGKRVQPVKSAESLVPGKQRKGGQSAQRFARLRLEAIDNFYQEVAGMADDLFVPKRHEIDGILVGGPSPTKDEFLDG
DYLHHELQDKVLGKFDVSYTDESGLSDLVDAGQAALAEADLMDDKSDMEEFFEELNGGKLATYGFEQTRRNLIMGSVDRL
LVSEDLREDVVIYECPNDHEEYETIDRRNTSPEHTCSDCGEEATEVDREDAIDHLMSIADQRGTETHFISTDFEKGEQLL
TAFGGYAGILRYSTGV
;
_entity_poly.pdbx_strand_id   A
#
# COMPACT_ATOMS: atom_id res chain seq x y z
N VAL A 7 9.58 -9.75 0.28
CA VAL A 7 8.56 -8.73 0.14
C VAL A 7 7.58 -8.74 1.31
N PRO A 8 7.70 -7.77 2.22
CA PRO A 8 6.88 -7.68 3.43
C PRO A 8 5.42 -7.31 3.16
N SER A 9 4.66 -7.11 4.23
CA SER A 9 3.24 -6.75 4.14
C SER A 9 3.03 -5.45 3.38
N GLU A 10 1.86 -5.30 2.77
CA GLU A 10 1.56 -4.12 1.97
C GLU A 10 1.40 -2.87 2.85
N ASP A 11 0.76 -3.04 4.00
CA ASP A 11 0.57 -1.93 4.93
C ASP A 11 1.93 -1.48 5.47
N ARG A 12 2.82 -2.44 5.66
CA ARG A 12 4.16 -2.19 6.16
C ARG A 12 5.00 -1.50 5.09
N ARG A 13 4.83 -1.93 3.83
CA ARG A 13 5.52 -1.30 2.72
C ARG A 13 5.08 0.14 2.54
N LYS A 14 3.78 0.39 2.67
CA LYS A 14 3.25 1.74 2.60
C LYS A 14 3.88 2.64 3.66
N TYR A 15 4.04 2.10 4.86
CA TYR A 15 4.57 2.88 5.97
C TYR A 15 6.06 3.17 5.77
N GLU A 16 6.80 2.18 5.30
CA GLU A 16 8.21 2.34 5.02
C GLU A 16 8.45 3.40 3.95
N PHE A 17 7.64 3.35 2.90
CA PHE A 17 7.79 4.29 1.79
C PHE A 17 7.53 5.74 2.21
N ARG A 18 6.42 5.98 2.91
CA ARG A 18 6.11 7.33 3.37
C ARG A 18 7.24 7.90 4.22
N LYS A 19 7.80 7.05 5.07
CA LYS A 19 8.89 7.44 5.95
C LYS A 19 10.13 7.85 5.16
N VAL A 20 10.61 6.95 4.30
CA VAL A 20 11.79 7.23 3.48
C VAL A 20 11.58 8.44 2.58
N ILE A 21 10.38 8.56 2.00
CA ILE A 21 10.03 9.73 1.18
C ILE A 21 10.25 11.02 1.95
N GLU A 22 9.85 11.04 3.22
CA GLU A 22 10.01 12.22 4.04
C GLU A 22 11.48 12.54 4.29
N GLU A 23 12.27 11.49 4.49
CA GLU A 23 13.72 11.62 4.63
C GLU A 23 14.35 12.20 3.37
N LEU A 24 14.03 11.60 2.22
CA LEU A 24 14.60 12.04 0.94
C LEU A 24 14.29 13.50 0.62
N LYS A 25 13.09 13.95 0.99
CA LYS A 25 12.68 15.31 0.67
C LYS A 25 13.36 16.32 1.58
N ASP A 26 13.93 15.84 2.68
CA ASP A 26 14.66 16.72 3.58
C ASP A 26 16.03 17.07 3.00
N TYR A 27 16.44 16.34 1.98
CA TYR A 27 17.74 16.54 1.36
C TYR A 27 17.71 17.58 0.25
N GLU A 28 18.79 18.34 0.13
CA GLU A 28 18.90 19.33 -0.93
C GLU A 28 20.35 19.47 -1.39
N GLY A 29 20.56 19.50 -2.70
CA GLY A 29 21.88 19.73 -3.25
C GLY A 29 22.12 21.22 -3.47
N SER A 30 23.36 21.59 -3.75
CA SER A 30 23.70 22.99 -3.97
C SER A 30 23.20 23.43 -5.34
N GLY A 31 23.11 22.49 -6.26
CA GLY A 31 22.61 22.75 -7.61
C GLY A 31 21.75 21.61 -8.10
N THR A 32 21.80 21.36 -9.40
CA THR A 32 21.01 20.31 -10.02
C THR A 32 21.86 19.05 -10.15
N GLN A 33 21.84 18.23 -9.11
CA GLN A 33 22.75 17.09 -9.04
C GLN A 33 22.13 15.90 -8.34
N LEU A 34 20.87 16.00 -7.96
CA LEU A 34 20.16 14.88 -7.35
C LEU A 34 19.45 14.07 -8.43
N VAL A 35 19.75 12.78 -8.50
CA VAL A 35 19.24 11.92 -9.56
C VAL A 35 18.15 10.98 -9.06
N THR A 36 17.06 10.93 -9.79
CA THR A 36 15.99 9.99 -9.48
C THR A 36 15.67 9.15 -10.71
N ILE A 37 15.64 7.83 -10.53
CA ILE A 37 15.30 6.93 -11.62
C ILE A 37 14.18 5.97 -11.20
N TYR A 38 13.06 6.05 -11.92
CA TYR A 38 11.98 5.08 -11.74
C TYR A 38 12.18 3.96 -12.73
N ILE A 39 12.17 2.73 -12.25
CA ILE A 39 12.39 1.57 -13.10
C ILE A 39 11.28 0.53 -12.97
N PRO A 40 10.44 0.40 -14.02
CA PRO A 40 9.38 -0.61 -14.11
C PRO A 40 9.96 -2.03 -14.05
N PRO A 41 9.17 -3.00 -13.55
CA PRO A 41 9.65 -4.38 -13.37
C PRO A 41 10.00 -5.09 -14.69
N ASP A 42 9.57 -4.53 -15.80
CA ASP A 42 9.86 -5.11 -17.12
C ASP A 42 11.00 -4.39 -17.83
N LYS A 43 11.43 -3.24 -17.29
CA LYS A 43 12.59 -2.54 -17.81
C LYS A 43 13.87 -3.22 -17.33
N GLN A 44 14.68 -3.66 -18.28
CA GLN A 44 15.88 -4.42 -17.94
C GLN A 44 16.95 -3.53 -17.29
N ILE A 45 17.74 -4.12 -16.40
CA ILE A 45 18.75 -3.39 -15.64
C ILE A 45 19.89 -2.88 -16.52
N SER A 46 20.38 -3.73 -17.42
CA SER A 46 21.45 -3.35 -18.34
C SER A 46 21.02 -2.18 -19.23
N ASP A 47 19.72 -2.00 -19.38
CA ASP A 47 19.18 -0.89 -20.15
C ASP A 47 19.33 0.43 -19.40
N VAL A 48 18.98 0.44 -18.12
CA VAL A 48 19.12 1.65 -17.32
C VAL A 48 20.60 1.93 -17.01
N VAL A 49 21.36 0.88 -16.74
CA VAL A 49 22.81 0.99 -16.60
C VAL A 49 23.42 1.63 -17.85
N ALA A 50 22.85 1.32 -19.00
CA ALA A 50 23.32 1.91 -20.26
C ALA A 50 22.91 3.36 -20.35
N HIS A 51 21.74 3.69 -19.79
CA HIS A 51 21.23 5.06 -19.84
C HIS A 51 22.06 5.99 -18.96
N VAL A 52 22.50 5.49 -17.81
CA VAL A 52 23.27 6.33 -16.89
C VAL A 52 24.68 6.59 -17.43
N THR A 53 25.25 5.60 -18.11
CA THR A 53 26.55 5.73 -18.75
C THR A 53 26.50 6.87 -19.75
N GLN A 54 25.38 6.92 -20.48
CA GLN A 54 25.12 8.00 -21.43
C GLN A 54 25.11 9.36 -20.73
N GLU A 55 24.41 9.43 -19.60
CA GLU A 55 24.32 10.69 -18.85
C GLU A 55 25.66 11.06 -18.21
N HIS A 56 26.39 10.05 -17.75
CA HIS A 56 27.72 10.25 -17.19
C HIS A 56 28.66 10.86 -18.22
N SER A 57 28.58 10.38 -19.46
CA SER A 57 29.38 10.90 -20.55
C SER A 57 28.92 12.33 -20.90
N GLU A 58 27.60 12.51 -20.92
CA GLU A 58 27.02 13.81 -21.24
C GLU A 58 27.35 14.84 -20.16
N ALA A 59 27.53 14.36 -18.93
CA ALA A 59 27.82 15.23 -17.79
C ALA A 59 29.17 15.94 -17.92
N SER A 60 30.02 15.43 -18.81
CA SER A 60 31.30 16.10 -19.10
C SER A 60 31.05 17.47 -19.69
N ASN A 61 29.87 17.65 -20.30
CA ASN A 61 29.52 18.91 -20.92
C ASN A 61 29.07 19.98 -19.93
N ILE A 62 28.83 19.59 -18.68
CA ILE A 62 28.40 20.52 -17.64
C ILE A 62 29.43 21.63 -17.40
N LYS A 63 28.97 22.87 -17.39
CA LYS A 63 29.83 24.05 -17.40
C LYS A 63 30.65 24.25 -16.12
N SER A 64 30.01 24.08 -14.97
CA SER A 64 30.68 24.29 -13.69
C SER A 64 31.28 22.99 -13.19
N LYS A 65 32.49 23.09 -12.65
CA LYS A 65 33.23 21.90 -12.23
C LYS A 65 32.55 21.20 -11.06
N GLN A 66 32.16 21.98 -10.06
CA GLN A 66 31.54 21.47 -8.85
C GLN A 66 30.30 20.63 -9.15
N THR A 67 29.46 21.14 -10.06
CA THR A 67 28.25 20.44 -10.45
C THR A 67 28.60 19.19 -11.23
N ARG A 68 29.55 19.33 -12.15
CA ARG A 68 30.01 18.22 -12.97
C ARG A 68 30.50 17.06 -12.12
N THR A 69 31.34 17.39 -11.13
CA THR A 69 31.90 16.39 -10.22
C THR A 69 30.82 15.69 -9.42
N ASN A 70 29.89 16.47 -8.89
CA ASN A 70 28.77 15.93 -8.12
C ASN A 70 27.84 15.06 -8.94
N VAL A 71 27.46 15.55 -10.12
CA VAL A 71 26.60 14.76 -11.01
C VAL A 71 27.26 13.44 -11.39
N GLN A 72 28.52 13.49 -11.79
CA GLN A 72 29.23 12.29 -12.22
C GLN A 72 29.41 11.30 -11.07
N ASP A 73 29.76 11.80 -9.89
CA ASP A 73 29.82 10.97 -8.69
C ASP A 73 28.48 10.29 -8.36
N ALA A 74 27.37 11.00 -8.59
CA ALA A 74 26.06 10.44 -8.29
C ALA A 74 25.73 9.29 -9.24
N LEU A 75 26.00 9.53 -10.53
CA LEU A 75 25.78 8.53 -11.58
C LEU A 75 26.69 7.33 -11.41
N THR A 76 27.92 7.58 -10.96
CA THR A 76 28.87 6.51 -10.70
C THR A 76 28.36 5.63 -9.56
N SER A 77 27.83 6.28 -8.52
CA SER A 77 27.27 5.59 -7.38
C SER A 77 26.06 4.73 -7.77
N ILE A 78 25.28 5.22 -8.72
CA ILE A 78 24.14 4.46 -9.24
C ILE A 78 24.61 3.17 -9.91
N LYS A 79 25.60 3.29 -10.80
CA LYS A 79 26.19 2.14 -11.47
C LYS A 79 26.62 1.08 -10.47
N ASP A 80 27.32 1.51 -9.42
CA ASP A 80 27.81 0.61 -8.39
C ASP A 80 26.68 -0.12 -7.69
N ARG A 81 25.60 0.59 -7.40
CA ARG A 81 24.48 0.01 -6.69
C ARG A 81 23.76 -1.04 -7.54
N LEU A 82 23.61 -0.74 -8.82
CA LEU A 82 22.89 -1.62 -9.74
C LEU A 82 23.64 -2.92 -10.03
N ARG A 83 24.87 -3.02 -9.54
CA ARG A 83 25.66 -4.25 -9.70
C ARG A 83 25.15 -5.31 -8.73
N TYR A 84 24.32 -4.90 -7.79
CA TYR A 84 23.78 -5.82 -6.78
C TYR A 84 22.36 -6.27 -7.13
N TYR A 85 21.94 -5.96 -8.35
CA TYR A 85 20.62 -6.36 -8.83
C TYR A 85 20.74 -7.26 -10.06
N ASP A 86 19.75 -8.13 -10.27
CA ASP A 86 19.81 -9.08 -11.37
C ASP A 86 19.39 -8.46 -12.70
N THR A 87 18.77 -9.27 -13.55
CA THR A 87 18.38 -8.84 -14.89
C THR A 87 17.25 -7.81 -14.83
N PHE A 88 16.33 -8.03 -13.91
CA PHE A 88 15.18 -7.17 -13.75
C PHE A 88 15.04 -6.68 -12.31
N PRO A 89 14.48 -5.48 -12.12
CA PRO A 89 14.16 -4.99 -10.78
C PRO A 89 13.14 -5.93 -10.13
N PRO A 90 13.05 -5.93 -8.80
CA PRO A 90 12.14 -6.81 -8.06
C PRO A 90 10.67 -6.56 -8.40
N ASP A 91 9.77 -7.22 -7.67
CA ASP A 91 8.33 -7.06 -7.86
C ASP A 91 7.94 -5.59 -7.87
N ASN A 92 7.01 -5.22 -8.75
CA ASN A 92 6.48 -3.86 -8.82
C ASN A 92 7.46 -2.78 -9.25
N GLY A 93 8.68 -3.18 -9.59
CA GLY A 93 9.66 -2.22 -10.06
C GLY A 93 10.60 -1.74 -8.97
N MET A 94 11.18 -0.55 -9.18
CA MET A 94 12.27 -0.09 -8.34
C MET A 94 12.54 1.39 -8.59
N VAL A 95 12.82 2.15 -7.52
CA VAL A 95 13.17 3.56 -7.67
C VAL A 95 14.52 3.87 -7.04
N VAL A 96 15.42 4.45 -7.83
CA VAL A 96 16.76 4.76 -7.37
C VAL A 96 16.95 6.26 -7.13
N PHE A 97 17.50 6.61 -5.97
CA PHE A 97 17.82 7.99 -5.66
C PHE A 97 19.31 8.14 -5.41
N SER A 98 19.94 9.12 -6.03
CA SER A 98 21.36 9.33 -5.79
C SER A 98 21.78 10.78 -5.99
N GLY A 99 22.60 11.28 -5.08
CA GLY A 99 23.08 12.64 -5.18
C GLY A 99 23.93 13.09 -4.01
N ALA A 100 24.84 14.02 -4.29
CA ALA A 100 25.63 14.65 -3.24
C ALA A 100 24.82 15.76 -2.59
N VAL A 101 24.45 15.56 -1.33
CA VAL A 101 23.57 16.48 -0.65
C VAL A 101 24.34 17.45 0.21
N ASP A 102 23.70 18.57 0.52
CA ASP A 102 24.32 19.61 1.32
C ASP A 102 24.18 19.26 2.79
N SER A 103 25.29 18.94 3.44
CA SER A 103 25.28 18.86 4.90
C SER A 103 25.62 20.25 5.46
N GLY A 104 26.50 20.31 6.45
CA GLY A 104 26.87 21.61 6.99
C GLY A 104 28.20 22.12 6.47
N GLY A 105 28.34 23.45 6.46
CA GLY A 105 29.62 24.09 6.19
C GLY A 105 30.28 23.85 4.85
N GLY A 106 29.47 23.81 3.79
CA GLY A 106 30.01 23.61 2.46
C GLY A 106 30.42 22.18 2.16
N ARG A 107 30.19 21.29 3.12
CA ARG A 107 30.54 19.89 2.96
C ARG A 107 29.38 19.14 2.32
N THR A 108 29.69 18.09 1.56
CA THR A 108 28.65 17.27 0.95
C THR A 108 28.73 15.82 1.42
N ASP A 109 27.64 15.09 1.20
CA ASP A 109 27.54 13.68 1.55
C ASP A 109 26.81 12.98 0.42
N MET A 110 27.32 11.83 0.00
CA MET A 110 26.68 11.08 -1.06
C MET A 110 25.53 10.23 -0.53
N VAL A 111 24.31 10.57 -0.96
CA VAL A 111 23.15 9.78 -0.63
C VAL A 111 22.80 8.91 -1.82
N THR A 112 22.79 7.61 -1.61
CA THR A 112 22.35 6.68 -2.65
C THR A 112 21.37 5.69 -2.03
N GLU A 113 20.14 5.72 -2.51
CA GLU A 113 19.09 4.90 -1.93
C GLU A 113 18.18 4.30 -2.99
N VAL A 114 17.65 3.12 -2.70
CA VAL A 114 16.76 2.45 -3.61
C VAL A 114 15.50 1.99 -2.86
N LEU A 115 14.34 2.35 -3.41
CA LEU A 115 13.08 1.91 -2.85
C LEU A 115 12.52 0.78 -3.71
N GLU A 116 12.48 -0.42 -3.16
CA GLU A 116 12.08 -1.60 -3.91
C GLU A 116 10.63 -1.99 -3.66
N SER A 117 9.93 -2.34 -4.74
CA SER A 117 8.59 -2.91 -4.66
C SER A 117 7.57 -2.03 -3.96
N PRO A 118 7.06 -1.00 -4.67
CA PRO A 118 5.98 -0.18 -4.15
C PRO A 118 4.71 -1.00 -4.09
N PRO A 119 3.72 -0.60 -3.26
CA PRO A 119 2.42 -1.27 -3.22
C PRO A 119 1.82 -1.40 -4.61
N GLN A 120 1.92 -0.33 -5.40
CA GLN A 120 1.49 -0.35 -6.79
C GLN A 120 2.72 -0.30 -7.71
N PRO A 121 2.79 -1.22 -8.68
CA PRO A 121 3.94 -1.36 -9.58
C PRO A 121 4.24 -0.11 -10.41
N ILE A 122 5.53 0.13 -10.65
CA ILE A 122 5.98 1.24 -11.49
C ILE A 122 5.54 1.03 -12.93
N GLU A 123 4.93 2.05 -13.52
CA GLU A 123 4.41 1.96 -14.88
C GLU A 123 5.40 2.40 -15.95
N SER A 124 6.09 3.50 -15.72
CA SER A 124 6.97 4.08 -16.73
C SER A 124 8.38 4.34 -16.22
N PHE A 125 9.36 4.16 -17.10
CA PHE A 125 10.75 4.48 -16.80
C PHE A 125 10.92 5.99 -16.85
N ARG A 126 11.53 6.55 -15.82
CA ARG A 126 11.80 7.98 -15.80
C ARG A 126 13.15 8.32 -15.18
N TYR A 127 13.95 9.09 -15.92
CA TYR A 127 15.21 9.60 -15.41
C TYR A 127 15.01 11.06 -15.04
N HIS A 128 15.35 11.42 -13.81
CA HIS A 128 15.17 12.79 -13.37
C HIS A 128 16.41 13.34 -12.67
N CYS A 129 16.79 14.56 -13.04
CA CYS A 129 17.93 15.24 -12.43
C CYS A 129 17.48 16.60 -11.93
N ASP A 130 17.55 16.81 -10.62
CA ASP A 130 17.03 18.04 -10.04
C ASP A 130 17.76 18.47 -8.77
N SER A 131 17.26 19.56 -8.20
CA SER A 131 17.77 20.09 -6.94
C SER A 131 17.19 19.29 -5.77
N ALA A 132 16.17 18.50 -6.08
CA ALA A 132 15.51 17.66 -5.08
C ALA A 132 15.19 16.31 -5.69
N PHE A 133 15.10 15.29 -4.84
CA PHE A 133 14.73 13.95 -5.30
C PHE A 133 13.26 13.94 -5.75
N LEU A 134 12.97 13.15 -6.77
CA LEU A 134 11.62 13.08 -7.31
C LEU A 134 10.81 11.98 -6.63
N THR A 135 10.10 12.34 -5.57
CA THR A 135 9.32 11.36 -4.81
C THR A 135 7.82 11.57 -4.99
N GLU A 136 7.43 12.67 -5.62
CA GLU A 136 6.01 12.99 -5.82
C GLU A 136 5.23 11.90 -6.58
N PRO A 137 5.76 11.40 -7.72
CA PRO A 137 5.05 10.31 -8.38
C PRO A 137 4.96 9.04 -7.53
N LEU A 138 5.89 8.89 -6.59
CA LEU A 138 5.90 7.71 -5.74
C LEU A 138 4.90 7.87 -4.60
N ALA A 139 4.68 9.10 -4.17
CA ALA A 139 3.76 9.39 -3.08
C ALA A 139 2.30 9.27 -3.50
N GLU A 140 2.07 8.98 -4.78
CA GLU A 140 0.72 8.83 -5.30
C GLU A 140 0.34 7.37 -5.47
N MET A 141 1.35 6.51 -5.59
CA MET A 141 1.10 5.07 -5.65
C MET A 141 1.12 4.47 -4.25
N LEU A 142 0.76 5.30 -3.28
CA LEU A 142 0.58 4.88 -1.90
C LEU A 142 -0.85 5.19 -1.50
N GLY A 143 -1.70 5.39 -2.51
CA GLY A 143 -3.06 5.83 -2.30
C GLY A 143 -4.05 4.74 -1.93
N ASP A 144 -3.99 3.61 -2.63
CA ASP A 144 -4.98 2.54 -2.43
C ASP A 144 -4.38 1.21 -1.97
N LYS A 145 -5.24 0.38 -1.40
CA LYS A 145 -4.86 -0.93 -0.90
C LYS A 145 -6.06 -1.88 -0.99
N GLY A 146 -5.81 -3.10 -1.46
CA GLY A 146 -6.86 -4.11 -1.48
C GLY A 146 -7.12 -4.72 -2.83
N LEU A 147 -7.52 -5.99 -2.82
CA LEU A 147 -7.86 -6.70 -4.05
C LEU A 147 -9.36 -6.87 -4.14
N TYR A 148 -9.95 -6.36 -5.22
CA TYR A 148 -11.39 -6.42 -5.37
C TYR A 148 -11.79 -6.99 -6.72
N GLY A 149 -12.70 -7.97 -6.68
CA GLY A 149 -13.22 -8.56 -7.90
C GLY A 149 -14.26 -7.66 -8.54
N LEU A 150 -14.31 -7.66 -9.87
CA LEU A 150 -15.23 -6.81 -10.61
C LEU A 150 -16.02 -7.60 -11.63
N ILE A 151 -17.33 -7.44 -11.61
CA ILE A 151 -18.20 -8.08 -12.59
C ILE A 151 -19.13 -7.04 -13.19
N VAL A 152 -19.01 -6.82 -14.50
CA VAL A 152 -19.96 -5.98 -15.20
C VAL A 152 -20.63 -6.80 -16.29
N LEU A 153 -21.96 -6.79 -16.33
CA LEU A 153 -22.68 -7.50 -17.38
C LEU A 153 -23.91 -6.75 -17.90
N ASP A 154 -24.27 -7.06 -19.15
CA ASP A 154 -25.38 -6.41 -19.82
C ASP A 154 -26.30 -7.50 -20.35
N ARG A 155 -27.06 -7.18 -21.39
CA ARG A 155 -27.82 -8.20 -22.12
C ARG A 155 -26.98 -8.72 -23.27
N ARG A 156 -26.04 -7.88 -23.71
CA ARG A 156 -25.17 -8.21 -24.84
C ARG A 156 -23.84 -8.81 -24.41
N GLU A 157 -23.19 -8.20 -23.42
CA GLU A 157 -21.84 -8.63 -23.03
C GLU A 157 -21.59 -8.64 -21.52
N SER A 158 -20.43 -9.16 -21.14
CA SER A 158 -20.02 -9.21 -19.74
C SER A 158 -18.51 -9.11 -19.61
N ASN A 159 -18.05 -8.40 -18.58
CA ASN A 159 -16.62 -8.32 -18.30
C ASN A 159 -16.28 -8.59 -16.84
N VAL A 160 -15.28 -9.45 -16.63
CA VAL A 160 -14.82 -9.78 -15.29
C VAL A 160 -13.35 -9.44 -15.16
N GLY A 161 -12.97 -8.80 -14.05
CA GLY A 161 -11.59 -8.42 -13.85
C GLY A 161 -11.22 -8.05 -12.43
N TRP A 162 -10.07 -7.39 -12.28
CA TRP A 162 -9.52 -7.03 -10.98
C TRP A 162 -9.44 -5.54 -10.76
N LEU A 163 -9.67 -5.12 -9.52
CA LEU A 163 -9.22 -3.80 -9.08
C LEU A 163 -8.05 -4.00 -8.13
N LYS A 164 -6.84 -4.00 -8.68
CA LYS A 164 -5.64 -4.18 -7.87
C LYS A 164 -5.15 -2.83 -7.37
N GLY A 165 -5.59 -2.44 -6.18
CA GLY A 165 -5.26 -1.15 -5.63
C GLY A 165 -6.08 -0.05 -6.28
N LYS A 166 -5.49 0.63 -7.26
CA LYS A 166 -6.16 1.71 -7.97
C LYS A 166 -6.26 1.41 -9.46
N ARG A 167 -5.51 0.41 -9.92
CA ARG A 167 -5.55 0.01 -11.32
C ARG A 167 -6.63 -1.04 -11.57
N VAL A 168 -7.26 -0.95 -12.73
CA VAL A 168 -8.25 -1.95 -13.14
C VAL A 168 -7.64 -2.89 -14.18
N GLN A 169 -7.94 -4.17 -14.05
CA GLN A 169 -7.40 -5.15 -14.99
C GLN A 169 -8.48 -6.11 -15.50
N PRO A 170 -8.94 -5.88 -16.74
CA PRO A 170 -9.86 -6.82 -17.39
C PRO A 170 -9.15 -8.14 -17.63
N VAL A 171 -9.79 -9.25 -17.24
CA VAL A 171 -9.22 -10.57 -17.45
C VAL A 171 -10.11 -11.43 -18.34
N LYS A 172 -11.38 -11.57 -17.98
CA LYS A 172 -12.29 -12.41 -18.74
C LYS A 172 -13.43 -11.64 -19.40
N SER A 173 -14.01 -12.22 -20.45
CA SER A 173 -15.06 -11.57 -21.21
C SER A 173 -16.03 -12.59 -21.83
N ALA A 174 -17.23 -12.15 -22.17
CA ALA A 174 -18.24 -13.03 -22.76
C ALA A 174 -19.25 -12.28 -23.65
N GLU A 175 -20.09 -13.04 -24.34
CA GLU A 175 -21.10 -12.47 -25.23
C GLU A 175 -22.50 -13.02 -24.95
N SER A 176 -23.48 -12.56 -25.74
CA SER A 176 -24.89 -12.79 -25.47
C SER A 176 -25.34 -14.25 -25.45
N LEU A 177 -25.03 -14.98 -26.53
CA LEU A 177 -25.43 -16.39 -26.70
C LEU A 177 -26.94 -16.56 -26.90
N VAL A 178 -27.66 -15.46 -27.11
CA VAL A 178 -29.08 -15.51 -27.43
C VAL A 178 -29.32 -14.90 -28.81
N PRO A 179 -30.35 -15.39 -29.54
CA PRO A 179 -30.70 -14.91 -30.88
C PRO A 179 -30.76 -13.39 -30.97
N GLY A 180 -30.55 -12.85 -32.16
CA GLY A 180 -30.18 -11.46 -32.29
C GLY A 180 -31.20 -10.39 -32.66
N LYS A 181 -31.51 -9.53 -31.69
CA LYS A 181 -32.00 -8.18 -31.93
C LYS A 181 -33.08 -8.01 -33.01
N GLN A 182 -32.62 -7.84 -34.25
CA GLN A 182 -33.43 -7.52 -35.44
C GLN A 182 -34.83 -6.90 -35.29
N ARG A 183 -35.72 -7.34 -36.17
CA ARG A 183 -36.99 -6.67 -36.45
C ARG A 183 -37.97 -6.56 -35.27
N LYS A 184 -38.48 -5.35 -35.06
CA LYS A 184 -39.48 -5.10 -34.03
C LYS A 184 -40.88 -5.13 -34.65
N GLY A 185 -41.88 -5.42 -33.82
CA GLY A 185 -43.27 -5.43 -34.25
C GLY A 185 -43.54 -6.29 -35.47
N GLY A 186 -44.11 -5.67 -36.50
CA GLY A 186 -44.46 -6.38 -37.72
C GLY A 186 -45.51 -7.43 -37.45
N GLN A 187 -46.26 -7.23 -36.37
CA GLN A 187 -47.27 -8.18 -35.90
C GLN A 187 -46.65 -9.55 -35.63
N SER A 188 -45.36 -9.55 -35.31
CA SER A 188 -44.62 -10.79 -35.11
C SER A 188 -43.71 -10.72 -33.88
N ALA A 189 -43.66 -11.81 -33.13
CA ALA A 189 -42.81 -11.92 -31.96
C ALA A 189 -42.25 -13.33 -31.84
N GLN A 190 -41.12 -13.56 -32.52
CA GLN A 190 -40.47 -14.87 -32.49
C GLN A 190 -39.52 -14.99 -31.30
N ARG A 191 -40.04 -14.71 -30.10
CA ARG A 191 -39.28 -14.92 -28.88
C ARG A 191 -38.97 -16.40 -28.78
N PHE A 192 -37.77 -16.73 -28.32
CA PHE A 192 -37.46 -18.11 -28.01
C PHE A 192 -37.57 -18.31 -26.51
N ALA A 193 -38.83 -18.28 -26.04
CA ALA A 193 -39.19 -18.31 -24.63
C ALA A 193 -38.31 -19.21 -23.75
N ARG A 194 -38.52 -20.52 -23.83
CA ARG A 194 -37.76 -21.44 -23.00
C ARG A 194 -36.30 -21.47 -23.40
N LEU A 195 -36.03 -21.41 -24.70
CA LEU A 195 -34.65 -21.43 -25.17
C LEU A 195 -33.81 -20.26 -24.63
N ARG A 196 -34.38 -19.06 -24.65
CA ARG A 196 -33.67 -17.87 -24.20
C ARG A 196 -33.31 -17.94 -22.72
N LEU A 197 -34.28 -18.34 -21.91
CA LEU A 197 -34.10 -18.40 -20.46
C LEU A 197 -33.10 -19.46 -20.04
N GLU A 198 -32.95 -20.49 -20.87
CA GLU A 198 -31.91 -21.49 -20.63
C GLU A 198 -30.53 -20.90 -20.89
N ALA A 199 -30.41 -20.18 -22.01
CA ALA A 199 -29.16 -19.54 -22.37
C ALA A 199 -28.82 -18.41 -21.38
N ILE A 200 -29.85 -17.74 -20.88
CA ILE A 200 -29.68 -16.70 -19.90
C ILE A 200 -29.22 -17.30 -18.56
N ASP A 201 -29.79 -18.45 -18.21
CA ASP A 201 -29.34 -19.18 -17.03
C ASP A 201 -27.91 -19.69 -17.25
N ASN A 202 -27.66 -20.24 -18.43
CA ASN A 202 -26.33 -20.69 -18.80
C ASN A 202 -25.33 -19.53 -18.88
N PHE A 203 -25.81 -18.38 -19.34
CA PHE A 203 -25.01 -17.15 -19.36
C PHE A 203 -24.52 -16.86 -17.95
N TYR A 204 -25.46 -16.52 -17.08
CA TYR A 204 -25.14 -16.10 -15.72
C TYR A 204 -24.31 -17.13 -14.98
N GLN A 205 -24.53 -18.41 -15.29
CA GLN A 205 -23.75 -19.50 -14.69
C GLN A 205 -22.29 -19.49 -15.15
N GLU A 206 -22.06 -19.16 -16.42
CA GLU A 206 -20.69 -19.11 -16.93
C GLU A 206 -19.96 -17.90 -16.37
N VAL A 207 -20.71 -16.84 -16.08
CA VAL A 207 -20.15 -15.65 -15.48
C VAL A 207 -19.70 -15.98 -14.05
N ALA A 208 -20.48 -16.82 -13.39
CA ALA A 208 -20.11 -17.34 -12.07
C ALA A 208 -18.87 -18.21 -12.20
N GLY A 209 -18.82 -18.99 -13.28
CA GLY A 209 -17.65 -19.80 -13.58
C GLY A 209 -16.43 -18.92 -13.75
N MET A 210 -16.59 -17.85 -14.52
CA MET A 210 -15.52 -16.87 -14.73
C MET A 210 -15.05 -16.31 -13.40
N ALA A 211 -16.01 -16.01 -12.53
CA ALA A 211 -15.70 -15.49 -11.21
C ALA A 211 -15.04 -16.58 -10.36
N ASP A 212 -15.32 -17.83 -10.68
CA ASP A 212 -14.75 -18.95 -9.97
C ASP A 212 -13.34 -19.27 -10.44
N ASP A 213 -13.12 -19.17 -11.75
CA ASP A 213 -11.79 -19.39 -12.33
C ASP A 213 -10.83 -18.31 -11.84
N LEU A 214 -11.36 -17.15 -11.51
CA LEU A 214 -10.55 -15.98 -11.25
C LEU A 214 -10.40 -15.63 -9.77
N PHE A 215 -11.50 -15.67 -9.03
CA PHE A 215 -11.51 -15.17 -7.66
C PHE A 215 -11.11 -16.22 -6.62
N VAL A 216 -11.37 -17.48 -6.91
CA VAL A 216 -11.06 -18.56 -5.96
C VAL A 216 -9.55 -18.76 -5.81
N PRO A 217 -8.79 -18.37 -6.83
CA PRO A 217 -7.33 -18.39 -6.74
C PRO A 217 -6.85 -17.50 -5.60
N LYS A 218 -7.15 -16.20 -5.71
CA LYS A 218 -6.92 -15.27 -4.62
C LYS A 218 -8.05 -15.43 -3.60
N ARG A 219 -8.06 -16.57 -2.91
CA ARG A 219 -9.17 -17.03 -2.09
C ARG A 219 -9.77 -15.99 -1.14
N HIS A 220 -9.26 -15.97 0.09
CA HIS A 220 -9.68 -14.95 1.06
C HIS A 220 -8.93 -13.65 0.79
N GLU A 221 -8.04 -13.70 -0.21
CA GLU A 221 -7.18 -12.57 -0.53
C GLU A 221 -7.98 -11.38 -1.05
N ILE A 222 -9.07 -11.65 -1.77
CA ILE A 222 -9.94 -10.58 -2.23
C ILE A 222 -10.70 -9.97 -1.06
N ASP A 223 -10.87 -8.66 -1.06
CA ASP A 223 -11.49 -7.98 0.06
C ASP A 223 -12.95 -7.63 -0.20
N GLY A 224 -13.43 -7.99 -1.39
CA GLY A 224 -14.80 -7.68 -1.76
C GLY A 224 -15.00 -7.81 -3.26
N ILE A 225 -16.26 -7.78 -3.69
CA ILE A 225 -16.59 -7.89 -5.10
C ILE A 225 -17.64 -6.86 -5.49
N LEU A 226 -17.37 -6.13 -6.57
CA LEU A 226 -18.35 -5.18 -7.09
C LEU A 226 -19.11 -5.78 -8.28
N VAL A 227 -20.41 -5.55 -8.32
CA VAL A 227 -21.24 -5.98 -9.44
C VAL A 227 -21.92 -4.80 -10.11
N GLY A 228 -21.70 -4.64 -11.41
CA GLY A 228 -22.27 -3.53 -12.14
C GLY A 228 -23.13 -3.96 -13.31
N GLY A 229 -23.97 -3.04 -13.78
CA GLY A 229 -24.87 -3.32 -14.87
C GLY A 229 -26.03 -2.34 -14.85
N PRO A 230 -26.67 -2.13 -16.01
CA PRO A 230 -27.79 -1.20 -16.06
C PRO A 230 -29.11 -1.90 -15.78
N SER A 231 -30.14 -1.13 -15.41
CA SER A 231 -31.51 -1.62 -15.40
C SER A 231 -31.70 -2.84 -14.49
N PRO A 232 -32.86 -3.54 -14.56
CA PRO A 232 -32.94 -4.82 -13.86
C PRO A 232 -31.93 -5.88 -14.28
N THR A 233 -31.22 -5.68 -15.37
CA THR A 233 -30.22 -6.65 -15.84
C THR A 233 -29.26 -7.08 -14.73
N LYS A 234 -28.70 -6.10 -14.02
CA LYS A 234 -27.82 -6.39 -12.90
C LYS A 234 -28.59 -6.97 -11.70
N ASP A 235 -29.76 -6.40 -11.43
CA ASP A 235 -30.62 -6.90 -10.37
C ASP A 235 -31.04 -8.33 -10.67
N GLU A 236 -31.52 -8.55 -11.89
CA GLU A 236 -31.94 -9.89 -12.31
C GLU A 236 -30.79 -10.87 -12.15
N PHE A 237 -29.58 -10.46 -12.54
CA PHE A 237 -28.41 -11.31 -12.41
C PHE A 237 -28.06 -11.60 -10.97
N LEU A 238 -28.14 -10.56 -10.13
CA LEU A 238 -27.78 -10.68 -8.73
C LEU A 238 -28.87 -11.35 -7.89
N ASP A 239 -30.12 -10.95 -8.10
CA ASP A 239 -31.23 -11.47 -7.30
C ASP A 239 -31.44 -12.96 -7.54
N GLY A 240 -31.49 -13.36 -8.80
CA GLY A 240 -31.57 -14.76 -9.14
C GLY A 240 -30.27 -15.44 -8.77
N ASP A 241 -30.36 -16.55 -8.03
CA ASP A 241 -29.17 -17.25 -7.58
C ASP A 241 -28.48 -17.97 -8.74
N TYR A 242 -27.68 -17.22 -9.48
CA TYR A 242 -26.85 -17.78 -10.54
C TYR A 242 -25.40 -17.68 -10.13
N LEU A 243 -25.08 -16.60 -9.43
CA LEU A 243 -23.70 -16.19 -9.16
C LEU A 243 -22.98 -17.10 -8.16
N HIS A 244 -23.70 -18.11 -7.65
CA HIS A 244 -23.18 -19.02 -6.62
C HIS A 244 -22.97 -18.28 -5.29
N HIS A 245 -23.64 -18.76 -4.26
CA HIS A 245 -23.65 -18.12 -2.93
C HIS A 245 -22.26 -17.80 -2.37
N GLU A 246 -21.28 -18.63 -2.70
CA GLU A 246 -19.93 -18.48 -2.17
C GLU A 246 -19.28 -17.14 -2.56
N LEU A 247 -19.76 -16.54 -3.63
CA LEU A 247 -19.25 -15.26 -4.09
C LEU A 247 -20.26 -14.16 -3.79
N GLN A 248 -21.52 -14.56 -3.61
CA GLN A 248 -22.58 -13.64 -3.20
C GLN A 248 -22.23 -13.04 -1.85
N ASP A 249 -21.49 -13.80 -1.05
CA ASP A 249 -21.06 -13.38 0.27
C ASP A 249 -20.24 -12.10 0.22
N LYS A 250 -19.22 -12.08 -0.64
CA LYS A 250 -18.25 -10.99 -0.64
C LYS A 250 -18.63 -9.85 -1.56
N VAL A 251 -19.82 -9.90 -2.13
CA VAL A 251 -20.30 -8.80 -2.98
C VAL A 251 -20.61 -7.58 -2.11
N LEU A 252 -19.97 -6.46 -2.42
CA LEU A 252 -20.11 -5.24 -1.63
C LEU A 252 -21.40 -4.49 -1.98
N GLY A 253 -21.85 -4.64 -3.22
CA GLY A 253 -23.09 -4.00 -3.64
C GLY A 253 -23.25 -3.98 -5.16
N LYS A 254 -24.47 -3.70 -5.61
CA LYS A 254 -24.75 -3.60 -7.04
C LYS A 254 -24.86 -2.14 -7.48
N PHE A 255 -24.31 -1.83 -8.65
CA PHE A 255 -24.22 -0.44 -9.07
C PHE A 255 -24.68 -0.23 -10.52
N ASP A 256 -25.28 0.93 -10.77
CA ASP A 256 -25.82 1.25 -12.08
C ASP A 256 -24.73 1.70 -13.06
N VAL A 257 -24.32 0.79 -13.94
CA VAL A 257 -23.33 1.09 -14.97
C VAL A 257 -23.88 0.65 -16.32
N SER A 258 -24.02 1.59 -17.25
CA SER A 258 -24.70 1.31 -18.51
C SER A 258 -23.74 0.98 -19.67
N TYR A 259 -22.44 0.97 -19.39
CA TYR A 259 -21.44 0.55 -20.37
C TYR A 259 -20.77 -0.73 -19.91
N THR A 260 -20.76 -1.73 -20.77
CA THR A 260 -20.42 -3.09 -20.36
C THR A 260 -19.20 -3.66 -21.06
N ASP A 261 -18.50 -2.83 -21.83
CA ASP A 261 -17.24 -3.27 -22.39
C ASP A 261 -16.18 -3.31 -21.29
N GLU A 262 -14.92 -3.40 -21.68
CA GLU A 262 -13.83 -3.44 -20.72
C GLU A 262 -13.75 -2.17 -19.89
N SER A 263 -14.21 -1.06 -20.46
CA SER A 263 -14.15 0.23 -19.77
C SER A 263 -15.24 0.38 -18.72
N GLY A 264 -16.20 -0.54 -18.72
CA GLY A 264 -17.27 -0.52 -17.75
C GLY A 264 -16.78 -0.89 -16.36
N LEU A 265 -15.70 -1.67 -16.33
CA LEU A 265 -15.07 -2.06 -15.07
C LEU A 265 -14.57 -0.84 -14.30
N SER A 266 -14.05 0.14 -15.04
CA SER A 266 -13.58 1.37 -14.44
C SER A 266 -14.75 2.20 -13.93
N ASP A 267 -15.87 2.14 -14.63
CA ASP A 267 -17.07 2.87 -14.23
C ASP A 267 -17.62 2.28 -12.94
N LEU A 268 -17.56 0.96 -12.84
CA LEU A 268 -18.00 0.26 -11.65
C LEU A 268 -17.19 0.70 -10.43
N VAL A 269 -15.88 0.77 -10.59
CA VAL A 269 -14.98 1.25 -9.53
C VAL A 269 -15.35 2.67 -9.15
N ASP A 270 -15.64 3.50 -10.15
CA ASP A 270 -16.06 4.87 -9.92
C ASP A 270 -17.33 4.94 -9.07
N ALA A 271 -18.37 4.25 -9.52
CA ALA A 271 -19.67 4.27 -8.86
C ALA A 271 -19.64 3.63 -7.48
N GLY A 272 -18.74 2.68 -7.27
CA GLY A 272 -18.67 1.97 -6.01
C GLY A 272 -17.55 2.45 -5.11
N GLN A 273 -17.10 3.68 -5.34
CA GLN A 273 -15.98 4.24 -4.59
C GLN A 273 -16.25 4.27 -3.09
N ALA A 274 -17.45 4.70 -2.71
CA ALA A 274 -17.84 4.74 -1.31
C ALA A 274 -17.87 3.34 -0.68
N ALA A 275 -18.40 2.38 -1.41
CA ALA A 275 -18.49 1.00 -0.93
C ALA A 275 -17.10 0.39 -0.76
N LEU A 276 -16.17 0.82 -1.60
CA LEU A 276 -14.79 0.33 -1.55
C LEU A 276 -14.04 0.84 -0.31
N ALA A 277 -14.18 2.14 -0.04
CA ALA A 277 -13.46 2.77 1.06
C ALA A 277 -13.90 2.19 2.40
N GLU A 278 -15.15 1.72 2.46
CA GLU A 278 -15.67 1.08 3.66
C GLU A 278 -15.17 -0.36 3.77
N ALA A 279 -15.01 -1.03 2.63
CA ALA A 279 -14.48 -2.39 2.61
C ALA A 279 -13.02 -2.41 3.05
N ASP A 280 -12.30 -1.34 2.70
CA ASP A 280 -10.90 -1.21 3.06
C ASP A 280 -10.71 -1.19 4.58
N LEU A 281 -11.72 -0.70 5.29
CA LEU A 281 -11.64 -0.53 6.73
C LEU A 281 -12.08 -1.77 7.51
N MET A 282 -12.31 -2.87 6.81
CA MET A 282 -12.84 -4.09 7.44
C MET A 282 -11.94 -4.67 8.54
N ASP A 283 -10.68 -4.94 8.20
CA ASP A 283 -9.75 -5.51 9.17
C ASP A 283 -9.43 -4.52 10.29
N ASP A 284 -9.39 -3.24 9.95
CA ASP A 284 -9.09 -2.20 10.92
C ASP A 284 -10.22 -2.05 11.94
N LYS A 285 -11.45 -1.92 11.45
CA LYS A 285 -12.61 -1.75 12.31
C LYS A 285 -12.82 -2.96 13.22
N SER A 286 -12.47 -4.14 12.73
CA SER A 286 -12.60 -5.36 13.53
C SER A 286 -11.51 -5.45 14.58
N ASP A 287 -10.32 -4.94 14.25
CA ASP A 287 -9.22 -4.91 15.21
C ASP A 287 -9.52 -3.94 16.35
N MET A 288 -9.96 -2.75 16.01
CA MET A 288 -10.20 -1.73 17.01
C MET A 288 -11.43 -2.03 17.86
N GLU A 289 -12.45 -2.62 17.25
CA GLU A 289 -13.62 -3.04 18.01
C GLU A 289 -13.21 -4.04 19.06
N GLU A 290 -12.31 -4.94 18.68
CA GLU A 290 -11.78 -5.94 19.59
C GLU A 290 -10.90 -5.31 20.65
N PHE A 291 -10.16 -4.27 20.28
CA PHE A 291 -9.31 -3.57 21.23
C PHE A 291 -10.12 -2.85 22.29
N PHE A 292 -11.13 -2.09 21.85
CA PHE A 292 -11.97 -1.34 22.76
C PHE A 292 -12.76 -2.23 23.72
N GLU A 293 -13.20 -3.39 23.24
CA GLU A 293 -13.91 -4.34 24.10
C GLU A 293 -13.00 -4.87 25.21
N GLU A 294 -11.72 -5.00 24.90
CA GLU A 294 -10.76 -5.43 25.91
C GLU A 294 -10.39 -4.30 26.87
N LEU A 295 -10.42 -3.06 26.38
CA LEU A 295 -10.20 -1.89 27.25
C LEU A 295 -11.33 -1.79 28.27
N ASN A 296 -12.57 -1.79 27.77
CA ASN A 296 -13.74 -1.78 28.63
C ASN A 296 -13.83 -3.03 29.49
N GLY A 297 -13.31 -4.15 28.96
CA GLY A 297 -13.29 -5.40 29.70
C GLY A 297 -12.25 -5.40 30.81
N GLY A 298 -11.38 -4.38 30.80
CA GLY A 298 -10.42 -4.18 31.86
C GLY A 298 -9.16 -5.03 31.77
N LYS A 299 -9.15 -5.98 30.83
CA LYS A 299 -7.99 -6.87 30.68
C LYS A 299 -7.54 -7.04 29.23
N LEU A 300 -6.35 -7.61 29.07
CA LEU A 300 -5.83 -8.02 27.77
C LEU A 300 -5.58 -6.86 26.80
N ALA A 301 -5.56 -5.63 27.30
CA ALA A 301 -5.30 -4.47 26.46
C ALA A 301 -4.13 -3.64 26.98
N THR A 302 -3.37 -3.07 26.06
CA THR A 302 -2.28 -2.18 26.41
C THR A 302 -2.23 -1.04 25.40
N TYR A 303 -1.66 0.09 25.81
CA TYR A 303 -1.49 1.24 24.94
C TYR A 303 -0.40 2.17 25.44
N GLY A 304 0.02 3.11 24.59
CA GLY A 304 1.17 3.94 24.90
C GLY A 304 2.45 3.22 24.51
N PHE A 305 3.48 3.98 24.14
CA PHE A 305 4.72 3.38 23.68
C PHE A 305 5.36 2.48 24.73
N GLU A 306 5.49 2.99 25.96
CA GLU A 306 6.16 2.28 27.03
C GLU A 306 5.53 0.91 27.32
N GLN A 307 4.24 0.94 27.69
CA GLN A 307 3.54 -0.28 28.07
C GLN A 307 3.40 -1.28 26.92
N THR A 308 3.25 -0.79 25.71
CA THR A 308 3.16 -1.67 24.56
C THR A 308 4.48 -2.41 24.36
N ARG A 309 5.58 -1.67 24.46
CA ARG A 309 6.91 -2.26 24.33
C ARG A 309 7.13 -3.38 25.34
N ARG A 310 6.75 -3.13 26.60
CA ARG A 310 6.93 -4.11 27.67
C ARG A 310 6.20 -5.43 27.39
N ASN A 311 4.93 -5.32 27.01
CA ASN A 311 4.13 -6.51 26.70
C ASN A 311 4.67 -7.28 25.50
N LEU A 312 5.25 -6.55 24.54
CA LEU A 312 5.83 -7.16 23.35
C LEU A 312 7.00 -8.06 23.73
N ILE A 313 7.83 -7.56 24.65
CA ILE A 313 8.97 -8.30 25.14
C ILE A 313 8.55 -9.59 25.83
N MET A 314 7.46 -9.54 26.59
CA MET A 314 6.95 -10.71 27.29
C MET A 314 6.32 -11.74 26.36
N GLY A 315 6.16 -11.36 25.09
CA GLY A 315 5.54 -12.24 24.11
C GLY A 315 4.07 -12.46 24.40
N SER A 316 3.48 -11.52 25.14
CA SER A 316 2.09 -11.63 25.57
C SER A 316 1.11 -10.97 24.59
N VAL A 317 1.64 -10.38 23.53
CA VAL A 317 0.80 -9.61 22.62
C VAL A 317 0.27 -10.43 21.45
N ASP A 318 -1.05 -10.48 21.31
CA ASP A 318 -1.69 -11.16 20.20
C ASP A 318 -1.52 -10.37 18.90
N ARG A 319 -1.84 -9.08 18.97
CA ARG A 319 -1.69 -8.20 17.82
C ARG A 319 -1.16 -6.86 18.26
N LEU A 320 -0.08 -6.41 17.62
CA LEU A 320 0.39 -5.05 17.81
C LEU A 320 -0.45 -4.14 16.92
N LEU A 321 -0.95 -3.06 17.48
CA LEU A 321 -1.78 -2.13 16.72
C LEU A 321 -1.11 -0.77 16.71
N VAL A 322 -0.70 -0.33 15.53
CA VAL A 322 -0.02 0.95 15.40
C VAL A 322 -0.71 1.81 14.35
N SER A 323 -0.74 3.12 14.60
CA SER A 323 -1.35 4.02 13.65
C SER A 323 -0.47 4.14 12.40
N GLU A 324 -1.10 4.04 11.24
CA GLU A 324 -0.38 4.20 9.98
C GLU A 324 0.02 5.65 9.73
N ASP A 325 -0.56 6.57 10.49
CA ASP A 325 -0.21 8.00 10.37
C ASP A 325 0.78 8.44 11.44
N LEU A 326 1.36 7.48 12.14
CA LEU A 326 2.36 7.76 13.15
C LEU A 326 3.61 8.33 12.49
N ARG A 327 4.24 9.30 13.14
CA ARG A 327 5.45 9.92 12.62
C ARG A 327 6.44 10.19 13.74
N GLU A 328 6.68 9.20 14.58
CA GLU A 328 7.58 9.39 15.71
C GLU A 328 8.86 8.57 15.62
N ASP A 329 9.91 9.10 16.23
CA ASP A 329 11.13 8.35 16.43
C ASP A 329 11.21 7.98 17.91
N VAL A 330 11.81 6.81 18.19
CA VAL A 330 12.20 6.47 19.54
C VAL A 330 13.67 6.83 19.70
N VAL A 331 13.99 7.54 20.77
CA VAL A 331 15.36 7.87 21.09
C VAL A 331 15.78 7.02 22.28
N ILE A 332 16.87 6.29 22.11
CA ILE A 332 17.31 5.33 23.12
C ILE A 332 18.43 5.93 23.96
N TYR A 333 18.33 5.78 25.28
CA TYR A 333 19.28 6.38 26.20
C TYR A 333 20.00 5.36 27.07
N GLU A 334 21.16 5.76 27.57
CA GLU A 334 21.91 4.99 28.56
C GLU A 334 22.27 5.88 29.73
N CYS A 335 21.92 5.43 30.93
CA CYS A 335 22.36 6.06 32.17
C CYS A 335 23.64 5.37 32.65
N PRO A 336 24.52 6.14 33.32
CA PRO A 336 25.76 5.64 33.93
C PRO A 336 25.52 4.39 34.80
N ASN A 337 24.30 4.28 35.33
CA ASN A 337 23.91 3.13 36.14
C ASN A 337 23.17 2.04 35.37
N ASP A 338 23.21 2.13 34.04
CA ASP A 338 22.72 1.06 33.17
C ASP A 338 21.19 0.90 33.16
N HIS A 339 20.45 2.01 33.04
CA HIS A 339 19.05 1.90 32.64
C HIS A 339 18.83 2.43 31.23
N GLU A 340 18.29 1.61 30.35
CA GLU A 340 17.93 2.03 29.00
C GLU A 340 16.59 2.76 28.99
N GLU A 341 16.62 4.10 28.99
CA GLU A 341 15.40 4.89 28.93
C GLU A 341 14.91 5.01 27.48
N TYR A 342 13.71 5.53 27.30
CA TYR A 342 13.17 5.79 25.97
C TYR A 342 12.35 7.07 25.94
N GLU A 343 12.51 7.83 24.87
CA GLU A 343 11.70 9.01 24.63
C GLU A 343 11.18 9.00 23.20
N THR A 344 9.91 9.32 23.02
CA THR A 344 9.38 9.47 21.67
C THR A 344 9.17 10.94 21.33
N ILE A 345 9.54 11.31 20.12
CA ILE A 345 9.36 12.68 19.64
C ILE A 345 9.01 12.61 18.16
N ASP A 346 8.60 13.75 17.61
CA ASP A 346 8.36 13.84 16.18
C ASP A 346 9.67 13.64 15.43
N ARG A 347 9.57 13.07 14.24
CA ARG A 347 10.75 12.77 13.42
C ARG A 347 11.63 13.98 13.17
N ARG A 348 11.01 15.11 12.87
CA ARG A 348 11.75 16.29 12.46
C ARG A 348 12.35 17.05 13.63
N ASN A 349 12.08 16.56 14.84
CA ASN A 349 12.58 17.23 16.04
C ASN A 349 13.90 16.67 16.53
N THR A 350 14.78 17.55 16.99
CA THR A 350 16.05 17.14 17.57
C THR A 350 15.79 16.34 18.83
N SER A 351 16.63 15.33 19.07
CA SER A 351 16.46 14.48 20.24
C SER A 351 16.48 15.31 21.52
N PRO A 352 15.47 15.11 22.36
CA PRO A 352 15.29 15.94 23.56
C PRO A 352 16.28 15.58 24.65
N GLU A 353 16.57 16.54 25.52
CA GLU A 353 17.39 16.27 26.70
C GLU A 353 16.57 15.44 27.67
N HIS A 354 17.15 14.34 28.13
CA HIS A 354 16.42 13.42 28.98
C HIS A 354 17.03 13.33 30.37
N THR A 355 16.27 13.74 31.37
CA THR A 355 16.64 13.46 32.75
C THR A 355 16.17 12.04 33.04
N CYS A 356 17.05 11.24 33.62
CA CYS A 356 16.74 9.86 33.89
C CYS A 356 16.10 9.67 35.25
N SER A 357 14.79 9.43 35.25
CA SER A 357 14.12 8.93 36.43
C SER A 357 14.82 7.63 36.83
N ASP A 358 14.78 7.30 38.12
CA ASP A 358 15.57 6.26 38.79
C ASP A 358 16.88 6.80 39.38
N CYS A 359 17.31 7.97 38.92
CA CYS A 359 18.54 8.56 39.45
C CYS A 359 18.61 10.08 39.36
N GLY A 360 17.92 10.66 38.38
CA GLY A 360 17.91 12.11 38.21
C GLY A 360 19.08 12.66 37.42
N GLU A 361 19.99 11.78 37.02
CA GLU A 361 21.15 12.19 36.23
C GLU A 361 20.78 12.43 34.77
N GLU A 362 21.52 13.32 34.11
CA GLU A 362 21.30 13.61 32.70
C GLU A 362 21.61 12.38 31.84
N ALA A 363 20.63 11.95 31.05
CA ALA A 363 20.81 10.75 30.22
C ALA A 363 21.53 11.07 28.92
N THR A 364 22.24 10.08 28.40
CA THR A 364 22.99 10.24 27.16
C THR A 364 22.35 9.45 26.02
N GLU A 365 22.01 10.15 24.95
CA GLU A 365 21.44 9.53 23.76
C GLU A 365 22.47 8.64 23.05
N VAL A 366 22.12 7.38 22.84
CA VAL A 366 23.05 6.43 22.28
C VAL A 366 22.55 5.82 20.98
N ASP A 367 21.28 6.07 20.66
CA ASP A 367 20.68 5.58 19.42
C ASP A 367 19.36 6.30 19.14
N ARG A 368 18.90 6.21 17.89
CA ARG A 368 17.62 6.78 17.50
C ARG A 368 17.11 6.08 16.26
N GLU A 369 15.83 5.72 16.28
CA GLU A 369 15.22 5.05 15.12
C GLU A 369 13.72 5.29 15.12
N ASP A 370 13.05 4.81 14.07
CA ASP A 370 11.60 4.92 13.96
C ASP A 370 10.92 4.12 15.05
N ALA A 371 9.95 4.71 15.75
CA ALA A 371 9.31 4.04 16.87
C ALA A 371 8.57 2.76 16.45
N ILE A 372 7.95 2.77 15.28
CA ILE A 372 7.22 1.59 14.81
C ILE A 372 8.19 0.48 14.40
N ASP A 373 9.21 0.84 13.63
CA ASP A 373 10.27 -0.09 13.25
C ASP A 373 10.82 -0.78 14.50
N HIS A 374 11.06 0.02 15.54
CA HIS A 374 11.55 -0.47 16.81
C HIS A 374 10.62 -1.53 17.41
N LEU A 375 9.35 -1.18 17.58
CA LEU A 375 8.37 -2.08 18.16
C LEU A 375 8.12 -3.29 17.28
N MET A 376 8.14 -3.07 15.97
CA MET A 376 7.77 -4.11 15.01
C MET A 376 8.81 -5.22 14.94
N SER A 377 10.08 -4.87 15.14
CA SER A 377 11.15 -5.86 15.16
C SER A 377 10.95 -6.85 16.30
N ILE A 378 10.55 -6.34 17.47
CA ILE A 378 10.27 -7.19 18.62
C ILE A 378 9.08 -8.10 18.35
N ALA A 379 8.03 -7.53 17.78
CA ALA A 379 6.83 -8.29 17.41
C ALA A 379 7.20 -9.43 16.49
N ASP A 380 8.12 -9.19 15.57
CA ASP A 380 8.54 -10.20 14.61
C ASP A 380 9.29 -11.33 15.29
N GLN A 381 10.10 -11.00 16.31
CA GLN A 381 10.80 -11.99 17.10
C GLN A 381 9.81 -12.96 17.75
N ARG A 382 8.73 -12.41 18.28
CA ARG A 382 7.74 -13.20 19.00
C ARG A 382 6.63 -13.73 18.09
N GLY A 383 6.76 -13.45 16.80
CA GLY A 383 5.75 -13.85 15.84
C GLY A 383 4.41 -13.15 16.04
N THR A 384 4.48 -11.92 16.56
CA THR A 384 3.28 -11.13 16.81
C THR A 384 2.85 -10.39 15.55
N GLU A 385 1.58 -10.56 15.17
CA GLU A 385 1.03 -9.86 14.02
C GLU A 385 0.98 -8.35 14.26
N THR A 386 1.50 -7.58 13.31
CA THR A 386 1.47 -6.13 13.43
C THR A 386 0.51 -5.53 12.40
N HIS A 387 -0.54 -4.90 12.90
CA HIS A 387 -1.53 -4.28 12.02
C HIS A 387 -1.40 -2.75 12.05
N PHE A 388 -1.42 -2.15 10.86
CA PHE A 388 -1.37 -0.71 10.74
C PHE A 388 -2.79 -0.19 10.60
N ILE A 389 -3.22 0.61 11.57
CA ILE A 389 -4.59 1.04 11.64
C ILE A 389 -4.81 2.40 10.99
N SER A 390 -5.73 2.44 10.03
CA SER A 390 -6.10 3.66 9.35
C SER A 390 -6.70 4.66 10.33
N THR A 391 -6.48 5.95 10.06
CA THR A 391 -6.96 6.99 10.94
C THR A 391 -8.27 7.56 10.41
N ASP A 392 -8.78 6.94 9.36
CA ASP A 392 -9.99 7.41 8.70
C ASP A 392 -11.23 7.33 9.57
N PHE A 393 -11.48 6.15 10.15
CA PHE A 393 -12.67 5.97 10.97
C PHE A 393 -12.43 6.38 12.42
N GLU A 394 -13.51 6.42 13.20
CA GLU A 394 -13.48 7.00 14.54
C GLU A 394 -12.50 6.34 15.51
N LYS A 395 -12.63 5.03 15.70
CA LYS A 395 -11.75 4.31 16.62
C LYS A 395 -10.31 4.24 16.11
N GLY A 396 -10.14 4.32 14.79
CA GLY A 396 -8.82 4.32 14.20
C GLY A 396 -8.11 5.64 14.41
N GLU A 397 -8.88 6.71 14.35
CA GLU A 397 -8.36 8.04 14.63
C GLU A 397 -7.98 8.15 16.10
N GLN A 398 -8.81 7.56 16.95
CA GLN A 398 -8.59 7.64 18.39
C GLN A 398 -7.38 6.81 18.85
N LEU A 399 -7.02 5.80 18.07
CA LEU A 399 -5.79 5.06 18.35
C LEU A 399 -4.63 6.03 18.36
N LEU A 400 -4.62 6.94 17.39
CA LEU A 400 -3.57 7.95 17.31
C LEU A 400 -3.77 9.04 18.35
N THR A 401 -4.92 9.71 18.30
CA THR A 401 -5.13 10.92 19.09
C THR A 401 -5.43 10.69 20.58
N ALA A 402 -5.98 9.53 20.91
CA ALA A 402 -6.30 9.27 22.31
C ALA A 402 -5.28 8.37 22.99
N PHE A 403 -4.68 7.45 22.24
CA PHE A 403 -3.78 6.44 22.82
C PHE A 403 -2.34 6.56 22.35
N GLY A 404 -2.04 7.60 21.58
CA GLY A 404 -0.67 7.89 21.17
C GLY A 404 -0.22 7.17 19.91
N GLY A 405 -1.07 6.32 19.36
CA GLY A 405 -0.73 5.61 18.14
C GLY A 405 -0.14 4.21 18.36
N TYR A 406 0.05 3.85 19.63
CA TYR A 406 0.61 2.54 19.97
C TYR A 406 -0.37 1.78 20.87
N ALA A 407 -0.71 0.56 20.48
CA ALA A 407 -1.57 -0.29 21.30
C ALA A 407 -1.35 -1.77 20.99
N GLY A 408 -1.91 -2.63 21.83
CA GLY A 408 -1.76 -4.07 21.64
C GLY A 408 -2.84 -4.87 22.33
N ILE A 409 -3.31 -5.90 21.63
CA ILE A 409 -4.24 -6.87 22.20
C ILE A 409 -3.44 -8.02 22.79
N LEU A 410 -3.69 -8.34 24.06
CA LEU A 410 -2.93 -9.38 24.74
C LEU A 410 -3.64 -10.73 24.71
N ARG A 411 -2.86 -11.79 24.90
CA ARG A 411 -3.42 -13.13 25.05
C ARG A 411 -3.46 -13.50 26.53
N TYR A 412 -2.38 -13.20 27.24
CA TYR A 412 -2.39 -13.26 28.69
C TYR A 412 -2.07 -11.89 29.29
N SER A 413 -2.98 -11.38 30.12
CA SER A 413 -2.77 -10.13 30.80
C SER A 413 -2.05 -10.38 32.12
N THR A 414 -1.11 -9.51 32.46
CA THR A 414 -0.32 -9.70 33.67
C THR A 414 0.35 -8.42 34.17
N GLY A 415 0.59 -8.38 35.48
CA GLY A 415 1.32 -7.29 36.11
C GLY A 415 0.74 -5.90 35.92
N VAL A 416 1.56 -4.89 36.21
CA VAL A 416 1.18 -3.48 36.05
C VAL A 416 -0.05 -3.11 36.86
#